data_4JYJ
#
_entry.id   4JYJ
#
_cell.length_a   112.697
_cell.length_b   112.697
_cell.length_c   112.697
_cell.angle_alpha   90.000
_cell.angle_beta   90.000
_cell.angle_gamma   90.000
#
_symmetry.space_group_name_H-M   'P 21 3'
#
loop_
_entity.id
_entity.type
_entity.pdbx_description
1 polymer 'Enoyl-CoA hydratase/isomerase'
2 non-polymer 'UNKNOWN LIGAND'
3 water water
#
_entity_poly.entity_id   1
_entity_poly.type   'polypeptide(L)'
_entity_poly.pdbx_seq_one_letter_code
;(MSE)HHHHHHSSGVDLGTENLYFQS(MSE)DAVDGVRLEEGDAIDWIVFDRPQAANSFSATLLEQFSALVKDRQANGAP
VLGIRGSGRGFSSG(MSE)DLGEYNATSGPTSDVLRLSSYVERWLDLWRHPKPVIVAVHGYCIGVAAQLASFADILVVAE
DA(MSE)ISEPTIPIGGGFIAPTWVSHVGSRHAKEFAFLPGNRIDGR(MSE)AAAWGWANCAVPASEVIACCESLAQR
(MSE)KL(MSE)PPAVLA(MSE)KKRSINRA(MSE)EAAGFHAAASAIAESDALLHLEPEVTAIRNRLRTEDLKAVVGSY
AGESSQEIFQRHGGHRPDAS
;
_entity_poly.pdbx_strand_id   A,B
#
loop_
_chem_comp.id
_chem_comp.type
_chem_comp.name
_chem_comp.formula
UNL non-polymer 'UNKNOWN LIGAND' ?
#
# COMPACT_ATOMS: atom_id res chain seq x y z
N ASP A 27 22.83 5.13 4.34
CA ASP A 27 22.66 5.70 5.71
C ASP A 27 22.24 7.20 5.65
N GLY A 28 22.62 8.01 6.64
CA GLY A 28 21.99 9.33 6.91
C GLY A 28 20.69 9.31 7.77
N VAL A 29 20.37 8.14 8.32
CA VAL A 29 19.25 7.95 9.21
C VAL A 29 19.71 7.09 10.34
N ARG A 30 19.25 7.37 11.54
CA ARG A 30 19.71 6.69 12.76
C ARG A 30 18.43 6.33 13.55
N LEU A 31 18.51 5.27 14.34
CA LEU A 31 17.49 4.84 15.27
C LEU A 31 17.99 5.11 16.69
N GLU A 32 17.22 5.85 17.48
CA GLU A 32 17.49 6.06 18.91
C GLU A 32 16.36 5.42 19.70
N GLU A 33 16.69 4.31 20.33
CA GLU A 33 15.75 3.52 21.08
C GLU A 33 15.48 4.18 22.39
N GLY A 34 14.32 3.89 22.92
CA GLY A 34 13.91 4.40 24.23
C GLY A 34 12.87 3.43 24.75
N ASP A 35 12.38 3.69 25.96
CA ASP A 35 11.42 2.77 26.57
C ASP A 35 9.95 3.07 26.15
N ALA A 36 9.61 4.32 25.87
CA ALA A 36 8.23 4.66 25.40
C ALA A 36 8.14 4.87 23.88
N ILE A 37 9.19 5.41 23.31
CA ILE A 37 9.18 5.77 21.92
C ILE A 37 10.58 5.54 21.39
N ASP A 38 10.66 4.92 20.23
CA ASP A 38 11.92 4.86 19.46
C ASP A 38 11.88 5.96 18.42
N TRP A 39 12.95 6.76 18.30
CA TRP A 39 13.06 7.78 17.29
C TRP A 39 13.84 7.29 16.07
N ILE A 40 13.25 7.53 14.90
CA ILE A 40 13.97 7.52 13.66
C ILE A 40 14.44 8.91 13.44
N VAL A 41 15.75 9.08 13.25
CA VAL A 41 16.33 10.41 13.25
C VAL A 41 17.03 10.66 11.92
N PHE A 42 16.61 11.72 11.20
CA PHE A 42 17.33 12.08 9.96
C PHE A 42 18.58 12.76 10.41
N ASP A 43 19.71 12.41 9.82
CA ASP A 43 20.99 12.87 10.30
C ASP A 43 21.95 12.94 9.11
N ARG A 44 21.72 13.93 8.26
CA ARG A 44 22.58 14.23 7.14
C ARG A 44 22.94 15.68 7.23
N PRO A 45 23.79 16.05 8.19
CA PRO A 45 24.09 17.47 8.45
C PRO A 45 24.64 18.18 7.22
N GLN A 46 25.46 17.50 6.47
CA GLN A 46 26.11 18.04 5.28
C GLN A 46 25.09 18.49 4.20
N ALA A 47 23.89 17.89 4.20
CA ALA A 47 22.84 18.22 3.25
C ALA A 47 21.50 18.72 3.88
N ALA A 48 21.56 19.22 5.11
CA ALA A 48 20.37 19.72 5.81
C ALA A 48 19.22 18.68 5.82
N ASN A 49 19.59 17.46 6.18
CA ASN A 49 18.72 16.32 6.28
C ASN A 49 17.82 16.08 5.07
N SER A 50 18.29 16.47 3.88
CA SER A 50 17.56 16.19 2.66
C SER A 50 17.58 14.69 2.30
N PHE A 51 16.52 14.27 1.62
CA PHE A 51 16.29 12.88 1.28
C PHE A 51 16.94 12.43 -0.03
N SER A 52 17.57 11.27 0.01
CA SER A 52 18.20 10.66 -1.16
C SER A 52 17.62 9.24 -1.24
N ALA A 53 17.89 8.56 -2.33
CA ALA A 53 17.32 7.23 -2.50
C ALA A 53 17.84 6.33 -1.38
N THR A 54 19.09 6.51 -1.03
CA THR A 54 19.69 5.66 -0.02
C THR A 54 19.12 5.91 1.38
N LEU A 55 18.97 7.18 1.73
CA LEU A 55 18.37 7.52 2.97
C LEU A 55 16.98 6.88 3.09
N LEU A 56 16.22 6.92 2.00
CA LEU A 56 14.83 6.48 1.98
C LEU A 56 14.67 4.97 2.14
N GLU A 57 15.57 4.22 1.53
CA GLU A 57 15.63 2.78 1.73
C GLU A 57 15.94 2.46 3.19
N GLN A 58 16.90 3.15 3.77
CA GLN A 58 17.19 2.91 5.16
C GLN A 58 16.01 3.33 6.06
N PHE A 59 15.42 4.47 5.79
CA PHE A 59 14.24 4.89 6.51
C PHE A 59 13.17 3.83 6.50
N SER A 60 12.77 3.35 5.31
CA SER A 60 11.73 2.31 5.25
C SER A 60 12.11 1.02 5.98
N ALA A 61 13.39 0.70 6.02
CA ALA A 61 13.85 -0.54 6.67
C ALA A 61 13.66 -0.39 8.16
N LEU A 62 13.94 0.79 8.68
CA LEU A 62 13.70 1.03 10.10
C LEU A 62 12.24 0.97 10.47
N VAL A 63 11.40 1.56 9.63
CA VAL A 63 9.98 1.66 9.89
C VAL A 63 9.46 0.26 9.98
N LYS A 64 9.84 -0.56 9.01
CA LYS A 64 9.42 -1.95 8.97
C LYS A 64 9.93 -2.74 10.23
N ASP A 65 11.23 -2.62 10.51
CA ASP A 65 11.80 -3.27 11.71
C ASP A 65 11.04 -2.86 13.01
N ARG A 66 10.66 -1.60 13.15
CA ARG A 66 9.92 -1.19 14.32
C ARG A 66 8.44 -1.64 14.36
N GLN A 67 7.98 -2.35 13.35
CA GLN A 67 6.63 -2.86 13.38
C GLN A 67 6.43 -3.78 14.58
N ALA A 68 7.38 -4.70 14.78
CA ALA A 68 7.31 -5.66 15.89
C ALA A 68 8.49 -5.61 16.89
N ASN A 69 9.37 -4.63 16.77
CA ASN A 69 10.43 -4.53 17.72
C ASN A 69 10.41 -3.17 18.37
N GLY A 70 10.74 -3.17 19.64
CA GLY A 70 11.05 -1.96 20.35
C GLY A 70 9.89 -1.43 21.14
N ALA A 71 9.89 -0.09 21.28
CA ALA A 71 8.92 0.62 22.09
C ALA A 71 7.55 0.65 21.40
N PRO A 72 6.51 0.96 22.13
CA PRO A 72 5.17 0.96 21.57
C PRO A 72 4.82 2.18 20.70
N VAL A 73 5.64 3.21 20.69
CA VAL A 73 5.37 4.37 19.84
C VAL A 73 6.56 4.53 18.96
N LEU A 74 6.33 4.97 17.74
CA LEU A 74 7.42 5.27 16.81
C LEU A 74 7.41 6.75 16.59
N GLY A 75 8.59 7.36 16.57
CA GLY A 75 8.72 8.76 16.44
C GLY A 75 9.64 9.05 15.28
N ILE A 76 9.43 10.20 14.63
CA ILE A 76 10.31 10.64 13.58
C ILE A 76 10.72 12.08 13.82
N ARG A 77 12.00 12.37 13.65
CA ARG A 77 12.50 13.72 13.84
C ARG A 77 13.83 13.89 13.12
N GLY A 78 14.29 15.13 13.05
CA GLY A 78 15.57 15.44 12.48
C GLY A 78 16.62 15.79 13.53
N SER A 79 17.87 15.44 13.24
CA SER A 79 19.05 15.97 13.96
C SER A 79 19.38 17.35 13.55
N GLY A 80 20.11 18.05 14.39
CA GLY A 80 20.72 19.29 13.98
C GLY A 80 19.71 20.43 13.88
N ARG A 81 19.83 21.20 12.81
CA ARG A 81 19.19 22.51 12.68
C ARG A 81 17.72 22.43 12.24
N GLY A 82 17.31 21.34 11.64
CA GLY A 82 15.94 21.21 11.15
C GLY A 82 15.49 19.77 10.88
N PHE A 83 14.19 19.62 10.66
CA PHE A 83 13.60 18.31 10.34
C PHE A 83 14.17 17.76 9.05
N SER A 84 13.90 18.44 7.94
CA SER A 84 14.46 18.06 6.64
C SER A 84 14.24 19.12 5.58
N SER A 85 15.23 19.33 4.71
CA SER A 85 15.09 20.29 3.62
C SER A 85 14.36 19.66 2.39
N GLY A 86 13.97 18.39 2.45
CA GLY A 86 13.21 17.76 1.35
C GLY A 86 14.06 16.86 0.48
N MSE A 87 13.70 16.76 -0.78
CA MSE A 87 14.31 15.83 -1.75
C MSE A 87 15.58 16.43 -2.32
O MSE A 87 15.61 17.61 -2.58
CB MSE A 87 13.23 15.69 -2.85
CG MSE A 87 13.11 14.35 -3.55
SE MSE A 87 12.91 12.91 -2.19
CE MSE A 87 14.60 12.13 -2.73
N ASP A 88 16.69 15.68 -2.42
CA ASP A 88 17.82 16.17 -3.26
C ASP A 88 17.34 16.45 -4.67
N LEU A 89 17.74 17.57 -5.28
CA LEU A 89 17.35 17.91 -6.68
C LEU A 89 17.82 16.84 -7.64
N GLY A 90 19.01 16.29 -7.39
CA GLY A 90 19.58 15.23 -8.23
C GLY A 90 18.81 13.89 -8.25
N GLU A 91 17.74 13.71 -7.49
CA GLU A 91 16.94 12.49 -7.61
C GLU A 91 16.10 12.50 -8.90
N TYR A 92 15.78 13.69 -9.39
CA TYR A 92 15.04 13.83 -10.63
C TYR A 92 15.95 13.50 -11.79
N ASN A 93 15.58 12.55 -12.60
CA ASN A 93 16.36 12.28 -13.83
C ASN A 93 15.54 12.41 -15.13
N ALA A 94 15.70 13.53 -15.83
CA ALA A 94 14.99 13.77 -17.09
C ALA A 94 15.06 12.66 -18.11
N THR A 95 16.23 12.06 -18.24
CA THR A 95 16.42 11.03 -19.29
C THR A 95 15.55 9.78 -19.16
N SER A 96 15.15 9.37 -17.95
CA SER A 96 14.43 8.11 -17.77
C SER A 96 12.96 8.15 -18.28
N GLY A 97 12.47 9.35 -18.57
CA GLY A 97 11.13 9.52 -19.10
C GLY A 97 10.07 9.72 -18.03
N PRO A 98 8.84 10.08 -18.47
CA PRO A 98 7.85 10.52 -17.49
C PRO A 98 7.28 9.42 -16.60
N THR A 99 7.06 8.24 -17.16
CA THR A 99 6.53 7.15 -16.39
C THR A 99 7.51 6.69 -15.29
N SER A 100 8.77 6.63 -15.62
CA SER A 100 9.74 6.31 -14.65
C SER A 100 9.79 7.38 -13.50
N ASP A 101 9.57 8.64 -13.84
CA ASP A 101 9.40 9.68 -12.84
C ASP A 101 8.13 9.47 -12.01
N VAL A 102 6.99 9.17 -12.64
CA VAL A 102 5.78 8.81 -11.94
C VAL A 102 6.02 7.68 -10.90
N LEU A 103 6.74 6.65 -11.31
CA LEU A 103 6.91 5.51 -10.40
C LEU A 103 7.83 5.88 -9.23
N ARG A 104 8.82 6.77 -9.47
CA ARG A 104 9.73 7.23 -8.44
C ARG A 104 8.94 8.06 -7.42
N LEU A 105 8.17 9.02 -7.89
CA LEU A 105 7.42 9.85 -7.01
C LEU A 105 6.39 9.05 -6.21
N SER A 106 5.78 8.10 -6.86
CA SER A 106 4.79 7.25 -6.23
C SER A 106 5.44 6.39 -5.18
N SER A 107 6.66 5.97 -5.43
CA SER A 107 7.39 5.18 -4.41
C SER A 107 7.58 5.99 -3.15
N TYR A 108 7.77 7.30 -3.26
CA TYR A 108 7.90 8.11 -2.07
C TYR A 108 6.62 8.09 -1.26
N VAL A 109 5.47 8.25 -1.93
CA VAL A 109 4.19 8.25 -1.26
C VAL A 109 3.90 6.95 -0.54
N GLU A 110 4.33 5.85 -1.14
CA GLU A 110 4.17 4.54 -0.49
C GLU A 110 5.05 4.39 0.76
N ARG A 111 6.21 5.03 0.77
CA ARG A 111 7.00 4.97 1.96
C ARG A 111 6.29 5.74 3.09
N TRP A 112 5.59 6.82 2.76
CA TRP A 112 4.86 7.52 3.74
C TRP A 112 3.59 6.78 4.13
N LEU A 113 2.94 6.07 3.21
CA LEU A 113 1.79 5.34 3.57
C LEU A 113 2.12 4.18 4.55
N ASP A 114 3.36 3.70 4.57
CA ASP A 114 3.81 2.72 5.52
C ASP A 114 3.68 3.28 6.94
N LEU A 115 3.87 4.59 7.11
CA LEU A 115 3.56 5.22 8.42
C LEU A 115 2.08 5.11 8.79
N TRP A 116 1.23 5.31 7.81
CA TRP A 116 -0.20 5.30 8.02
C TRP A 116 -0.67 3.90 8.30
N ARG A 117 -0.13 2.94 7.58
CA ARG A 117 -0.50 1.53 7.78
C ARG A 117 0.15 0.91 9.03
N HIS A 118 1.10 1.64 9.64
CA HIS A 118 1.93 1.06 10.69
C HIS A 118 1.10 0.66 11.93
N PRO A 119 1.39 -0.50 12.53
CA PRO A 119 0.63 -0.88 13.75
C PRO A 119 0.87 0.01 15.01
N LYS A 120 1.95 0.79 15.05
CA LYS A 120 2.19 1.68 16.18
C LYS A 120 1.73 3.11 15.85
N PRO A 121 1.35 3.90 16.85
CA PRO A 121 1.23 5.34 16.67
C PRO A 121 2.54 5.91 16.15
N VAL A 122 2.45 6.81 15.19
CA VAL A 122 3.62 7.46 14.63
C VAL A 122 3.54 8.93 14.94
N ILE A 123 4.50 9.43 15.70
CA ILE A 123 4.58 10.82 16.08
C ILE A 123 5.71 11.51 15.38
N VAL A 124 5.41 12.62 14.70
CA VAL A 124 6.42 13.37 14.00
C VAL A 124 6.68 14.67 14.73
N ALA A 125 7.97 14.93 15.00
CA ALA A 125 8.45 16.11 15.72
C ALA A 125 9.27 16.96 14.76
N VAL A 126 8.78 18.14 14.47
CA VAL A 126 9.40 19.02 13.54
C VAL A 126 9.93 20.24 14.27
N HIS A 127 11.20 20.55 14.01
CA HIS A 127 11.76 21.81 14.43
C HIS A 127 12.52 22.39 13.24
N GLY A 128 12.79 23.70 13.28
CA GLY A 128 13.55 24.43 12.25
C GLY A 128 12.86 24.42 10.90
N TYR A 129 13.51 23.85 9.90
CA TYR A 129 12.89 23.77 8.61
C TYR A 129 12.23 22.41 8.29
N CYS A 130 11.13 22.47 7.54
CA CYS A 130 10.43 21.31 7.02
C CYS A 130 9.98 21.71 5.66
N ILE A 131 10.71 21.26 4.66
CA ILE A 131 10.57 21.77 3.31
C ILE A 131 10.21 20.68 2.29
N GLY A 132 9.30 21.02 1.38
CA GLY A 132 8.93 20.18 0.21
C GLY A 132 8.38 18.84 0.62
N VAL A 133 9.03 17.79 0.11
CA VAL A 133 8.59 16.46 0.26
C VAL A 133 8.63 16.07 1.71
N ALA A 134 9.40 16.77 2.55
CA ALA A 134 9.41 16.45 4.01
C ALA A 134 8.09 16.86 4.66
N ALA A 135 7.45 17.89 4.07
CA ALA A 135 6.14 18.32 4.53
C ALA A 135 5.05 17.44 4.01
N GLN A 136 5.36 16.56 3.07
CA GLN A 136 4.42 15.55 2.55
C GLN A 136 4.43 14.36 3.47
N LEU A 137 5.64 13.92 3.82
CA LEU A 137 5.88 12.85 4.81
C LEU A 137 5.03 13.11 6.03
N ALA A 138 5.12 14.31 6.54
CA ALA A 138 4.57 14.62 7.85
C ALA A 138 3.04 14.60 7.84
N SER A 139 2.43 14.69 6.65
CA SER A 139 0.99 14.59 6.50
C SER A 139 0.41 13.22 6.78
N PHE A 140 1.29 12.20 6.76
CA PHE A 140 0.95 10.81 6.99
C PHE A 140 1.29 10.34 8.43
N ALA A 141 1.76 11.22 9.27
CA ALA A 141 1.93 10.91 10.69
C ALA A 141 0.57 10.77 11.37
N ASP A 142 0.52 10.13 12.54
CA ASP A 142 -0.67 10.15 13.37
C ASP A 142 -0.81 11.44 14.14
N ILE A 143 0.25 11.80 14.86
CA ILE A 143 0.36 12.97 15.68
C ILE A 143 1.59 13.78 15.21
N LEU A 144 1.44 15.09 15.17
CA LEU A 144 2.50 15.94 14.64
C LEU A 144 2.66 17.03 15.66
N VAL A 145 3.86 17.17 16.22
CA VAL A 145 4.17 18.26 17.13
C VAL A 145 5.24 19.10 16.49
N VAL A 146 5.03 20.41 16.46
CA VAL A 146 5.92 21.32 15.75
C VAL A 146 6.46 22.42 16.66
N ALA A 147 7.69 22.88 16.39
CA ALA A 147 8.25 23.99 17.14
C ALA A 147 7.48 25.22 16.67
N GLU A 148 7.15 26.09 17.60
CA GLU A 148 6.47 27.37 17.31
C GLU A 148 7.15 28.12 16.20
N ASP A 149 8.46 28.11 16.23
CA ASP A 149 9.28 28.87 15.25
C ASP A 149 9.75 28.02 14.06
N ALA A 150 9.21 26.84 13.88
CA ALA A 150 9.63 26.10 12.71
C ALA A 150 9.13 26.81 11.46
N MSE A 151 9.82 26.56 10.37
CA MSE A 151 9.40 27.01 9.05
C MSE A 151 8.96 25.81 8.23
O MSE A 151 9.77 24.93 7.95
CB MSE A 151 10.59 27.73 8.44
CG MSE A 151 10.14 28.40 7.15
SE MSE A 151 11.57 28.68 5.81
CE MSE A 151 12.09 26.80 5.43
N ILE A 152 7.66 25.77 7.88
CA ILE A 152 7.09 24.77 6.99
C ILE A 152 6.87 25.42 5.64
N SER A 153 7.53 24.88 4.64
CA SER A 153 7.70 25.52 3.40
C SER A 153 7.44 24.63 2.19
N GLU A 154 6.80 25.23 1.21
CA GLU A 154 6.89 24.74 -0.16
C GLU A 154 8.30 24.80 -0.72
N PRO A 155 8.62 23.99 -1.74
CA PRO A 155 9.89 24.20 -2.38
C PRO A 155 10.07 25.63 -2.83
N THR A 156 11.31 26.09 -2.68
CA THR A 156 11.71 27.46 -2.86
C THR A 156 11.61 27.90 -4.34
N ILE A 157 11.85 27.00 -5.29
CA ILE A 157 11.67 27.30 -6.72
C ILE A 157 10.61 26.42 -7.35
N PRO A 158 9.78 27.02 -8.21
CA PRO A 158 8.59 26.33 -8.76
C PRO A 158 9.00 25.38 -9.86
N ILE A 159 9.61 24.28 -9.45
CA ILE A 159 10.21 23.27 -10.32
C ILE A 159 9.32 22.01 -10.39
N GLY A 160 8.16 22.09 -9.73
CA GLY A 160 7.25 20.96 -9.59
C GLY A 160 5.94 21.48 -9.07
N GLY A 161 5.10 20.57 -8.63
CA GLY A 161 3.84 20.96 -8.03
C GLY A 161 2.82 19.89 -8.08
N GLY A 162 1.76 20.11 -7.31
CA GLY A 162 0.68 19.14 -7.22
C GLY A 162 0.99 17.85 -6.50
N PHE A 163 2.00 17.90 -5.62
CA PHE A 163 2.51 16.78 -4.93
C PHE A 163 2.35 16.85 -3.42
N ILE A 164 2.68 17.99 -2.83
CA ILE A 164 2.65 18.13 -1.38
C ILE A 164 1.31 18.61 -0.92
N ALA A 165 0.86 19.75 -1.41
CA ALA A 165 -0.35 20.37 -0.86
C ALA A 165 -1.60 19.51 -0.93
N PRO A 166 -1.77 18.73 -1.99
CA PRO A 166 -2.95 17.85 -1.99
C PRO A 166 -3.03 16.94 -0.78
N THR A 167 -1.89 16.58 -0.20
CA THR A 167 -1.93 15.70 1.01
C THR A 167 -2.25 16.48 2.29
N TRP A 168 -2.32 17.80 2.19
CA TRP A 168 -2.66 18.65 3.31
C TRP A 168 -4.18 18.88 3.40
N VAL A 169 -4.92 18.60 2.31
CA VAL A 169 -6.32 19.02 2.21
C VAL A 169 -7.19 18.47 3.36
N SER A 170 -7.04 17.21 3.69
CA SER A 170 -7.83 16.62 4.75
C SER A 170 -7.43 17.23 6.13
N HIS A 171 -6.21 17.76 6.26
CA HIS A 171 -5.86 18.38 7.52
C HIS A 171 -6.25 19.86 7.62
N VAL A 172 -6.13 20.63 6.52
CA VAL A 172 -6.24 22.09 6.60
C VAL A 172 -7.38 22.67 5.77
N GLY A 173 -8.07 21.84 4.97
CA GLY A 173 -9.06 22.32 4.00
C GLY A 173 -8.45 22.82 2.70
N SER A 174 -9.28 23.04 1.72
CA SER A 174 -8.83 23.41 0.37
C SER A 174 -8.44 24.85 0.23
N ARG A 175 -9.02 25.75 1.01
CA ARG A 175 -8.58 27.15 0.94
C ARG A 175 -7.13 27.32 1.37
N HIS A 176 -6.73 26.75 2.50
CA HIS A 176 -5.33 26.91 2.92
C HIS A 176 -4.37 26.07 2.08
N ALA A 177 -4.83 24.93 1.58
CA ALA A 177 -3.96 24.13 0.78
C ALA A 177 -3.62 24.85 -0.51
N LYS A 178 -4.64 25.44 -1.12
CA LYS A 178 -4.45 26.21 -2.35
C LYS A 178 -3.61 27.47 -2.10
N GLU A 179 -3.87 28.20 -1.02
CA GLU A 179 -3.01 29.32 -0.57
C GLU A 179 -1.53 28.91 -0.46
N PHE A 180 -1.28 27.77 0.17
CA PHE A 180 0.04 27.27 0.41
C PHE A 180 0.73 26.97 -0.89
N ALA A 181 0.01 26.25 -1.74
CA ALA A 181 0.53 25.85 -3.05
C ALA A 181 0.79 26.97 -4.09
N PHE A 182 -0.05 28.00 -4.13
CA PHE A 182 -0.05 28.92 -5.28
C PHE A 182 0.98 30.01 -5.24
N LEU A 183 1.71 30.16 -4.15
CA LEU A 183 2.77 31.18 -4.06
C LEU A 183 4.13 30.52 -3.89
N PRO A 184 5.10 30.86 -4.73
CA PRO A 184 6.38 30.13 -4.80
C PRO A 184 7.14 30.30 -3.50
N GLY A 185 7.58 29.19 -2.89
CA GLY A 185 8.29 29.28 -1.61
C GLY A 185 7.44 29.71 -0.47
N ASN A 186 6.12 29.55 -0.60
CA ASN A 186 5.25 29.88 0.48
C ASN A 186 5.59 29.06 1.69
N ARG A 187 5.36 29.64 2.86
CA ARG A 187 5.84 29.11 4.07
C ARG A 187 4.97 29.59 5.24
N ILE A 188 4.80 28.73 6.23
CA ILE A 188 4.15 29.11 7.48
C ILE A 188 5.00 28.69 8.65
N ASP A 189 4.75 29.28 9.82
CA ASP A 189 5.46 28.85 11.02
C ASP A 189 4.64 27.78 11.75
N GLY A 190 5.27 27.15 12.76
CA GLY A 190 4.66 26.12 13.55
C GLY A 190 3.32 26.51 14.15
N ARG A 191 3.23 27.74 14.65
CA ARG A 191 1.98 28.25 15.24
C ARG A 191 0.86 28.24 14.26
N MSE A 192 1.18 28.72 13.05
CA MSE A 192 0.22 28.75 11.93
C MSE A 192 -0.12 27.33 11.54
O MSE A 192 -1.26 27.06 11.28
CB MSE A 192 0.82 29.60 10.80
CG MSE A 192 -0.14 29.98 9.68
SE MSE A 192 -1.78 30.95 10.33
CE MSE A 192 -1.01 32.21 11.67
N ALA A 193 0.84 26.42 11.54
CA ALA A 193 0.56 25.03 11.14
C ALA A 193 -0.39 24.34 12.13
N ALA A 194 -0.20 24.64 13.40
CA ALA A 194 -1.13 24.21 14.39
C ALA A 194 -2.44 24.88 14.14
N ALA A 195 -2.49 26.21 13.94
CA ALA A 195 -3.80 26.85 13.80
C ALA A 195 -4.57 26.33 12.52
N TRP A 196 -3.87 26.10 11.41
CA TRP A 196 -4.49 25.53 10.21
C TRP A 196 -4.98 24.08 10.47
N GLY A 197 -4.40 23.35 11.43
CA GLY A 197 -4.84 21.96 11.68
C GLY A 197 -3.85 20.92 11.15
N TRP A 198 -2.76 21.39 10.54
CA TRP A 198 -1.70 20.51 10.04
C TRP A 198 -0.96 19.87 11.21
N ALA A 199 -0.61 20.63 12.25
CA ALA A 199 -0.02 20.07 13.48
C ALA A 199 -1.03 19.95 14.59
N ASN A 200 -0.86 19.00 15.50
CA ASN A 200 -1.66 18.96 16.74
C ASN A 200 -1.45 20.16 17.64
N CYS A 201 -0.20 20.55 17.80
CA CYS A 201 0.15 21.66 18.68
C CYS A 201 1.55 22.19 18.36
N ALA A 202 1.75 23.50 18.56
CA ALA A 202 3.04 24.14 18.41
C ALA A 202 3.54 24.43 19.82
N VAL A 203 4.76 23.98 20.15
CA VAL A 203 5.45 24.27 21.42
C VAL A 203 6.81 24.87 21.18
N PRO A 204 7.41 25.57 22.19
CA PRO A 204 8.82 25.99 22.01
C PRO A 204 9.75 24.87 21.54
N ALA A 205 10.70 25.25 20.71
CA ALA A 205 11.64 24.34 20.14
C ALA A 205 12.30 23.40 21.15
N SER A 206 12.67 23.95 22.33
CA SER A 206 13.35 23.17 23.36
C SER A 206 12.48 22.10 24.03
N GLU A 207 11.17 22.18 23.80
CA GLU A 207 10.22 21.27 24.44
C GLU A 207 9.62 20.30 23.44
N VAL A 208 9.98 20.37 22.17
CA VAL A 208 9.34 19.50 21.22
C VAL A 208 9.51 17.99 21.52
N ILE A 209 10.73 17.56 21.83
CA ILE A 209 11.03 16.16 21.99
C ILE A 209 10.40 15.71 23.26
N ALA A 210 10.59 16.51 24.31
CA ALA A 210 10.09 16.14 25.61
C ALA A 210 8.57 16.09 25.63
N CYS A 211 7.95 17.02 24.92
CA CYS A 211 6.52 16.92 24.74
C CYS A 211 6.05 15.55 24.14
N CYS A 212 6.70 15.09 23.06
CA CYS A 212 6.37 13.83 22.41
C CYS A 212 6.60 12.65 23.33
N GLU A 213 7.70 12.71 24.08
CA GLU A 213 7.99 11.69 25.08
C GLU A 213 6.94 11.63 26.13
N SER A 214 6.50 12.77 26.66
CA SER A 214 5.38 12.82 27.63
C SER A 214 4.08 12.19 27.10
N LEU A 215 3.70 12.51 25.86
CA LEU A 215 2.55 11.85 25.26
C LEU A 215 2.77 10.34 25.16
N ALA A 216 3.94 9.95 24.73
CA ALA A 216 4.22 8.53 24.53
C ALA A 216 4.22 7.73 25.84
N GLN A 217 4.68 8.35 26.93
CA GLN A 217 4.65 7.72 28.23
C GLN A 217 3.19 7.40 28.62
N ARG A 218 2.26 8.27 28.28
CA ARG A 218 0.86 7.93 28.54
C ARG A 218 0.41 6.84 27.63
N MSE A 219 0.82 6.90 26.36
CA MSE A 219 0.32 5.91 25.36
C MSE A 219 0.79 4.55 25.71
O MSE A 219 0.11 3.56 25.42
CB MSE A 219 0.84 6.16 23.95
CG MSE A 219 0.25 7.46 23.44
SE MSE A 219 0.91 7.83 21.61
CE MSE A 219 0.33 9.70 21.32
N LYS A 220 1.98 4.50 26.27
CA LYS A 220 2.62 3.25 26.71
C LYS A 220 1.76 2.38 27.69
N LEU A 221 0.86 3.03 28.42
CA LEU A 221 -0.01 2.30 29.35
C LEU A 221 -1.08 1.49 28.61
N MSE A 222 -1.31 1.76 27.33
CA MSE A 222 -2.29 1.00 26.59
C MSE A 222 -1.68 -0.25 26.05
O MSE A 222 -0.57 -0.25 25.59
CB MSE A 222 -2.65 1.84 25.40
CG MSE A 222 -3.18 3.17 25.90
SE MSE A 222 -5.13 3.09 25.68
CE MSE A 222 -5.41 4.63 24.54
N PRO A 223 -2.43 -1.34 26.00
CA PRO A 223 -1.93 -2.54 25.31
C PRO A 223 -1.63 -2.25 23.83
N PRO A 224 -0.50 -2.77 23.32
CA PRO A 224 -0.23 -2.44 21.91
C PRO A 224 -1.32 -2.80 20.88
N ALA A 225 -2.04 -3.89 21.10
CA ALA A 225 -3.12 -4.31 20.25
C ALA A 225 -4.23 -3.25 20.27
N VAL A 226 -4.42 -2.59 21.42
CA VAL A 226 -5.39 -1.53 21.49
C VAL A 226 -5.01 -0.37 20.60
N LEU A 227 -3.76 0.10 20.73
CA LEU A 227 -3.25 1.16 19.92
C LEU A 227 -3.41 0.84 18.47
N ALA A 228 -3.04 -0.37 18.07
CA ALA A 228 -3.12 -0.77 16.69
C ALA A 228 -4.55 -0.73 16.09
N MSE A 229 -5.51 -1.25 16.85
CA MSE A 229 -6.88 -1.29 16.36
C MSE A 229 -7.55 0.09 16.40
O MSE A 229 -8.36 0.39 15.51
CB MSE A 229 -7.72 -2.29 17.12
CG MSE A 229 -7.26 -3.69 16.81
SE MSE A 229 -7.71 -4.28 14.95
CE MSE A 229 -9.23 -3.11 14.65
N LYS A 230 -7.24 0.90 17.41
CA LYS A 230 -7.75 2.25 17.44
C LYS A 230 -7.28 2.99 16.17
N LYS A 231 -5.99 2.85 15.87
CA LYS A 231 -5.46 3.43 14.65
C LYS A 231 -6.09 2.89 13.34
N ARG A 232 -6.20 1.57 13.17
CA ARG A 232 -6.87 1.03 11.96
C ARG A 232 -8.29 1.54 11.77
N SER A 233 -9.02 1.75 12.85
CA SER A 233 -10.42 2.08 12.83
C SER A 233 -10.55 3.56 12.50
N ILE A 234 -9.69 4.39 13.07
CA ILE A 234 -9.64 5.79 12.59
C ILE A 234 -9.20 5.92 11.12
N ASN A 235 -8.24 5.13 10.73
CA ASN A 235 -7.83 5.15 9.32
C ASN A 235 -8.94 4.74 8.31
N ARG A 236 -9.82 3.84 8.71
CA ARG A 236 -11.00 3.49 7.86
C ARG A 236 -11.90 4.70 7.70
N ALA A 237 -12.05 5.48 8.77
CA ALA A 237 -12.90 6.71 8.61
C ALA A 237 -12.25 7.76 7.70
N MSE A 238 -10.92 7.86 7.75
CA MSE A 238 -10.21 8.72 6.84
C MSE A 238 -10.32 8.22 5.45
O MSE A 238 -10.45 8.99 4.51
CB MSE A 238 -8.69 8.72 7.22
CG MSE A 238 -8.42 9.39 8.58
SE MSE A 238 -6.48 9.09 9.08
CE MSE A 238 -5.74 10.38 7.83
N GLU A 239 -10.13 6.90 5.26
CA GLU A 239 -10.26 6.33 3.97
C GLU A 239 -11.66 6.58 3.36
N ALA A 240 -12.68 6.45 4.19
CA ALA A 240 -14.05 6.70 3.76
C ALA A 240 -14.19 8.13 3.28
N ALA A 241 -13.37 9.03 3.85
CA ALA A 241 -13.42 10.45 3.51
C ALA A 241 -12.43 10.77 2.37
N GLY A 242 -11.88 9.75 1.74
CA GLY A 242 -11.09 9.95 0.58
C GLY A 242 -9.59 10.00 0.76
N PHE A 243 -9.09 9.65 1.94
CA PHE A 243 -7.70 9.88 2.26
C PHE A 243 -6.74 9.17 1.30
N HIS A 244 -7.02 7.91 1.05
CA HIS A 244 -6.17 7.15 0.21
C HIS A 244 -6.33 7.56 -1.29
N ALA A 245 -7.57 7.69 -1.77
CA ALA A 245 -7.78 8.08 -3.15
C ALA A 245 -7.27 9.50 -3.49
N ALA A 246 -7.22 10.35 -2.50
CA ALA A 246 -6.67 11.69 -2.67
C ALA A 246 -5.24 11.65 -3.18
N ALA A 247 -4.51 10.58 -2.92
CA ALA A 247 -3.13 10.50 -3.28
C ALA A 247 -2.93 9.77 -4.60
N SER A 248 -3.98 9.47 -5.35
CA SER A 248 -3.79 8.50 -6.40
C SER A 248 -3.15 9.03 -7.70
N ALA A 249 -3.14 10.35 -7.89
CA ALA A 249 -2.59 10.95 -9.08
C ALA A 249 -1.63 12.06 -8.82
N ILE A 250 -1.22 12.21 -7.58
CA ILE A 250 -0.32 13.35 -7.29
C ILE A 250 1.03 13.13 -7.97
N ALA A 251 1.42 11.85 -8.11
CA ALA A 251 2.69 11.55 -8.75
C ALA A 251 2.66 12.03 -10.22
N GLU A 252 1.59 11.64 -10.91
CA GLU A 252 1.36 12.04 -12.33
C GLU A 252 1.43 13.58 -12.46
N SER A 253 0.82 14.30 -11.51
CA SER A 253 0.70 15.73 -11.56
C SER A 253 2.06 16.37 -11.54
N ASP A 254 2.88 15.88 -10.65
CA ASP A 254 4.18 16.44 -10.44
C ASP A 254 5.06 16.05 -11.59
N ALA A 255 4.98 14.79 -12.05
CA ALA A 255 5.76 14.38 -13.17
C ALA A 255 5.50 15.16 -14.45
N LEU A 256 4.25 15.51 -14.72
CA LEU A 256 3.90 16.38 -15.87
C LEU A 256 4.56 17.74 -15.83
N LEU A 257 4.56 18.34 -14.65
CA LEU A 257 5.19 19.62 -14.48
C LEU A 257 6.69 19.57 -14.65
N HIS A 258 7.33 18.45 -14.30
CA HIS A 258 8.77 18.36 -14.52
C HIS A 258 9.13 18.45 -16.01
N LEU A 259 8.16 18.24 -16.88
CA LEU A 259 8.34 18.34 -18.31
C LEU A 259 7.84 19.59 -19.02
N GLU A 260 7.29 20.56 -18.28
CA GLU A 260 6.93 21.80 -18.91
C GLU A 260 8.19 22.54 -19.30
N PRO A 261 8.22 23.09 -20.51
CA PRO A 261 9.38 23.89 -20.96
C PRO A 261 9.76 25.04 -20.07
N GLU A 262 8.77 25.78 -19.58
CA GLU A 262 9.08 26.86 -18.65
C GLU A 262 9.74 26.34 -17.34
N VAL A 263 9.42 25.13 -16.93
CA VAL A 263 10.09 24.51 -15.79
C VAL A 263 11.49 23.97 -16.14
N THR A 264 11.68 23.37 -17.30
CA THR A 264 12.99 22.89 -17.61
C THR A 264 13.96 24.05 -17.82
N ALA A 265 13.48 25.19 -18.32
CA ALA A 265 14.32 26.39 -18.39
C ALA A 265 14.77 26.87 -16.98
N ILE A 266 13.88 26.83 -16.00
CA ILE A 266 14.24 27.28 -14.64
C ILE A 266 15.30 26.30 -14.13
N ARG A 267 15.04 25.02 -14.33
CA ARG A 267 16.00 24.01 -13.92
C ARG A 267 17.37 24.19 -14.59
N ASN A 268 17.37 24.55 -15.89
CA ASN A 268 18.59 24.88 -16.62
C ASN A 268 19.41 26.05 -16.02
N ARG A 269 18.73 27.11 -15.54
CA ARG A 269 19.36 28.17 -14.76
C ARG A 269 20.23 27.57 -13.67
N LEU A 270 19.81 26.48 -13.05
CA LEU A 270 20.67 25.80 -12.06
C LEU A 270 21.99 25.29 -12.62
N ARG A 271 21.99 24.82 -13.88
CA ARG A 271 23.22 24.34 -14.56
C ARG A 271 24.29 25.44 -14.64
N THR A 272 23.86 26.69 -14.74
CA THR A 272 24.80 27.82 -14.95
C THR A 272 25.05 28.56 -13.62
N GLU A 273 23.96 28.99 -12.98
CA GLU A 273 24.01 30.07 -11.99
C GLU A 273 24.09 29.57 -10.55
N ASP A 274 24.36 30.47 -9.61
CA ASP A 274 24.30 30.12 -8.17
C ASP A 274 22.87 29.81 -7.75
N LEU A 275 22.70 28.77 -6.93
CA LEU A 275 21.39 28.43 -6.39
C LEU A 275 20.67 29.66 -5.80
N LYS A 276 21.40 30.48 -5.08
CA LYS A 276 20.81 31.60 -4.32
C LYS A 276 20.20 32.67 -5.28
N ALA A 277 20.82 32.84 -6.43
CA ALA A 277 20.35 33.75 -7.46
C ALA A 277 19.01 33.27 -8.07
N VAL A 278 18.90 31.97 -8.32
CA VAL A 278 17.67 31.41 -8.88
C VAL A 278 16.56 31.48 -7.81
N VAL A 279 16.87 31.01 -6.61
CA VAL A 279 15.90 31.12 -5.53
C VAL A 279 15.50 32.57 -5.32
N GLY A 280 16.51 33.44 -5.32
CA GLY A 280 16.27 34.84 -5.16
C GLY A 280 15.31 35.44 -6.13
N SER A 281 15.17 34.91 -7.32
CA SER A 281 14.14 35.49 -8.19
C SER A 281 12.71 34.99 -7.88
N TYR A 282 12.56 34.09 -6.92
CA TYR A 282 11.21 33.61 -6.55
C TYR A 282 10.85 33.96 -5.13
N ALA A 283 11.85 34.21 -4.31
CA ALA A 283 11.65 34.35 -2.90
C ALA A 283 11.00 35.67 -2.58
N GLY A 284 10.19 35.67 -1.52
CA GLY A 284 9.54 36.91 -1.08
C GLY A 284 8.52 36.64 -0.01
N GLU A 285 7.59 37.57 0.18
CA GLU A 285 6.59 37.47 1.21
C GLU A 285 5.74 36.25 1.05
N SER A 286 5.45 35.63 2.16
CA SER A 286 4.52 34.50 2.21
C SER A 286 3.10 35.04 2.26
N SER A 287 2.11 34.16 2.07
CA SER A 287 0.75 34.62 2.06
C SER A 287 0.39 35.17 3.46
N GLN A 288 0.83 34.51 4.50
CA GLN A 288 0.49 34.93 5.85
C GLN A 288 1.14 36.28 6.17
N GLU A 289 2.31 36.56 5.65
CA GLU A 289 2.93 37.85 5.83
C GLU A 289 2.09 38.90 5.08
N ILE A 290 1.57 38.54 3.92
CA ILE A 290 0.73 39.47 3.17
C ILE A 290 -0.55 39.77 3.95
N PHE A 291 -1.14 38.76 4.53
CA PHE A 291 -2.37 39.02 5.27
C PHE A 291 -2.09 39.93 6.48
N GLN A 292 -1.05 39.62 7.25
CA GLN A 292 -0.65 40.44 8.41
C GLN A 292 -0.42 41.91 7.98
N ARG A 293 0.35 42.11 6.91
CA ARG A 293 0.65 43.48 6.40
C ARG A 293 -0.61 44.24 6.07
N HIS A 294 -1.63 43.50 5.60
CA HIS A 294 -2.91 44.12 5.24
C HIS A 294 -3.92 44.08 6.37
N GLY A 295 -3.49 43.76 7.58
CA GLY A 295 -4.32 44.04 8.76
C GLY A 295 -5.15 42.87 9.26
N GLY A 296 -4.92 41.68 8.69
CA GLY A 296 -5.43 40.43 9.29
C GLY A 296 -4.81 40.16 10.64
N GLY B 28 9.02 -22.63 -1.70
CA GLY B 28 8.10 -23.38 -2.64
C GLY B 28 7.53 -22.58 -3.82
N VAL B 29 8.33 -21.65 -4.32
CA VAL B 29 7.99 -20.82 -5.39
C VAL B 29 9.18 -20.71 -6.28
N ARG B 30 8.96 -20.65 -7.58
CA ARG B 30 10.08 -20.45 -8.49
C ARG B 30 9.69 -19.54 -9.58
N LEU B 31 10.72 -19.02 -10.21
CA LEU B 31 10.61 -18.07 -11.30
C LEU B 31 11.07 -18.79 -12.56
N GLU B 32 10.22 -18.78 -13.58
CA GLU B 32 10.56 -19.26 -14.91
C GLU B 32 10.51 -18.04 -15.82
N GLU B 33 11.71 -17.63 -16.24
CA GLU B 33 11.88 -16.50 -17.13
C GLU B 33 11.55 -16.88 -18.57
N GLY B 34 11.11 -15.87 -19.32
CA GLY B 34 10.75 -16.03 -20.71
C GLY B 34 10.94 -14.66 -21.35
N ASP B 35 10.75 -14.56 -22.65
CA ASP B 35 11.02 -13.30 -23.30
C ASP B 35 9.78 -12.37 -23.32
N ALA B 36 8.55 -12.91 -23.30
CA ALA B 36 7.35 -12.04 -23.21
C ALA B 36 6.77 -12.01 -21.78
N ILE B 37 6.87 -13.10 -21.06
CA ILE B 37 6.28 -13.19 -19.71
C ILE B 37 7.20 -14.00 -18.84
N ASP B 38 7.46 -13.53 -17.65
CA ASP B 38 8.09 -14.31 -16.61
C ASP B 38 6.99 -14.89 -15.74
N TRP B 39 7.06 -16.21 -15.44
CA TRP B 39 6.10 -16.88 -14.57
C TRP B 39 6.66 -17.07 -13.19
N ILE B 40 5.87 -16.65 -12.20
CA ILE B 40 6.09 -17.04 -10.83
C ILE B 40 5.23 -18.28 -10.64
N VAL B 41 5.84 -19.34 -10.17
CA VAL B 41 5.20 -20.62 -10.19
C VAL B 41 5.17 -21.20 -8.78
N PHE B 42 3.98 -21.47 -8.27
CA PHE B 42 3.87 -22.08 -6.96
C PHE B 42 4.25 -23.53 -7.22
N ASP B 43 5.09 -24.10 -6.37
CA ASP B 43 5.55 -25.47 -6.57
C ASP B 43 5.81 -26.11 -5.21
N ARG B 44 4.73 -26.53 -4.58
CA ARG B 44 4.77 -27.27 -3.32
C ARG B 44 3.88 -28.52 -3.43
N PRO B 45 4.31 -29.52 -4.21
CA PRO B 45 3.48 -30.71 -4.50
C PRO B 45 3.00 -31.45 -3.24
N GLN B 46 3.88 -31.52 -2.24
CA GLN B 46 3.58 -32.18 -0.96
C GLN B 46 2.39 -31.53 -0.23
N ALA B 47 2.11 -30.24 -0.49
CA ALA B 47 1.03 -29.51 0.16
C ALA B 47 -0.02 -28.89 -0.81
N ALA B 48 -0.10 -29.42 -2.03
CA ALA B 48 -1.06 -28.92 -3.03
C ALA B 48 -0.96 -27.39 -3.24
N ASN B 49 0.28 -26.92 -3.39
CA ASN B 49 0.65 -25.54 -3.57
C ASN B 49 0.03 -24.57 -2.59
N SER B 50 -0.20 -25.03 -1.36
CA SER B 50 -0.74 -24.18 -0.34
C SER B 50 0.31 -23.17 0.13
N PHE B 51 -0.18 -22.04 0.62
CA PHE B 51 0.64 -20.91 1.06
C PHE B 51 1.12 -20.98 2.53
N SER B 52 2.41 -20.77 2.74
CA SER B 52 3.01 -20.67 4.09
C SER B 52 3.69 -19.31 4.18
N ALA B 53 4.08 -18.92 5.38
CA ALA B 53 4.65 -17.60 5.54
C ALA B 53 5.94 -17.53 4.69
N THR B 54 6.70 -18.62 4.68
CA THR B 54 7.94 -18.66 3.90
C THR B 54 7.70 -18.57 2.37
N LEU B 55 6.71 -19.27 1.87
CA LEU B 55 6.34 -19.17 0.48
C LEU B 55 6.01 -17.72 0.12
N LEU B 56 5.27 -17.07 0.97
CA LEU B 56 4.72 -15.78 0.68
C LEU B 56 5.78 -14.69 0.68
N GLU B 57 6.72 -14.79 1.62
CA GLU B 57 7.87 -13.88 1.59
C GLU B 57 8.64 -14.02 0.28
N GLN B 58 8.90 -15.25 -0.14
CA GLN B 58 9.60 -15.50 -1.41
C GLN B 58 8.77 -14.99 -2.61
N PHE B 59 7.45 -15.22 -2.60
CA PHE B 59 6.55 -14.73 -3.65
C PHE B 59 6.71 -13.23 -3.78
N SER B 60 6.56 -12.47 -2.68
CA SER B 60 6.69 -11.05 -2.73
C SER B 60 8.07 -10.57 -3.18
N ALA B 61 9.13 -11.31 -2.80
CA ALA B 61 10.50 -10.89 -3.18
C ALA B 61 10.61 -11.02 -4.72
N LEU B 62 9.97 -12.03 -5.30
CA LEU B 62 9.96 -12.16 -6.77
C LEU B 62 9.15 -11.06 -7.45
N VAL B 63 8.01 -10.73 -6.88
CA VAL B 63 7.13 -9.72 -7.48
C VAL B 63 7.87 -8.40 -7.51
N LYS B 64 8.48 -8.05 -6.42
CA LYS B 64 9.30 -6.85 -6.34
C LYS B 64 10.49 -6.86 -7.34
N ASP B 65 11.25 -7.93 -7.36
CA ASP B 65 12.30 -8.08 -8.33
C ASP B 65 11.83 -7.89 -9.79
N ARG B 66 10.65 -8.39 -10.13
CA ARG B 66 10.17 -8.31 -11.50
C ARG B 66 9.62 -6.91 -11.84
N GLN B 67 9.65 -5.98 -10.88
CA GLN B 67 9.22 -4.62 -11.17
C GLN B 67 10.05 -4.01 -12.31
N ALA B 68 11.36 -4.11 -12.19
CA ALA B 68 12.27 -3.55 -13.20
C ALA B 68 13.22 -4.60 -13.85
N ASN B 69 13.03 -5.89 -13.62
CA ASN B 69 13.82 -6.89 -14.31
C ASN B 69 12.94 -7.85 -15.09
N GLY B 70 13.46 -8.25 -16.26
CA GLY B 70 12.90 -9.33 -17.02
C GLY B 70 11.94 -8.88 -18.09
N ALA B 71 11.01 -9.78 -18.39
CA ALA B 71 10.05 -9.61 -19.44
C ALA B 71 8.98 -8.56 -19.09
N PRO B 72 8.24 -8.10 -20.08
CA PRO B 72 7.32 -6.99 -19.85
C PRO B 72 6.01 -7.40 -19.18
N VAL B 73 5.75 -8.68 -19.04
CA VAL B 73 4.54 -9.13 -18.41
C VAL B 73 4.96 -10.08 -17.30
N LEU B 74 4.18 -10.07 -16.20
CA LEU B 74 4.40 -10.96 -15.13
C LEU B 74 3.24 -11.92 -15.08
N GLY B 75 3.54 -13.20 -14.90
CA GLY B 75 2.52 -14.21 -14.86
C GLY B 75 2.52 -14.90 -13.49
N ILE B 76 1.38 -15.41 -13.08
CA ILE B 76 1.35 -16.28 -11.94
C ILE B 76 0.60 -17.53 -12.24
N ARG B 77 1.11 -18.65 -11.76
CA ARG B 77 0.45 -19.92 -11.95
C ARG B 77 0.98 -20.97 -10.98
N GLY B 78 0.32 -22.13 -10.98
CA GLY B 78 0.75 -23.24 -10.14
C GLY B 78 1.33 -24.37 -10.94
N SER B 79 2.33 -25.05 -10.38
CA SER B 79 2.78 -26.32 -10.99
C SER B 79 1.87 -27.47 -10.57
N GLY B 80 1.91 -28.52 -11.36
CA GLY B 80 1.29 -29.78 -10.95
C GLY B 80 -0.21 -29.78 -11.16
N ARG B 81 -0.94 -30.27 -10.18
CA ARG B 81 -2.37 -30.58 -10.34
C ARG B 81 -3.29 -29.35 -10.18
N GLY B 82 -2.82 -28.27 -9.51
CA GLY B 82 -3.68 -27.11 -9.33
C GLY B 82 -2.95 -25.83 -9.06
N PHE B 83 -3.68 -24.73 -9.12
CA PHE B 83 -3.13 -23.40 -8.85
C PHE B 83 -2.64 -23.36 -7.42
N SER B 84 -3.58 -23.49 -6.46
CA SER B 84 -3.25 -23.49 -5.06
C SER B 84 -4.46 -23.88 -4.22
N SER B 85 -4.21 -24.63 -3.15
CA SER B 85 -5.23 -25.00 -2.21
C SER B 85 -5.45 -23.94 -1.14
N GLY B 86 -4.73 -22.85 -1.17
CA GLY B 86 -4.97 -21.73 -0.24
C GLY B 86 -3.95 -21.68 0.89
N MSE B 87 -4.38 -21.21 2.04
CA MSE B 87 -3.46 -21.04 3.18
C MSE B 87 -3.27 -22.34 3.85
O MSE B 87 -4.22 -23.06 4.04
CB MSE B 87 -4.06 -20.18 4.28
CG MSE B 87 -4.04 -18.68 4.00
SE MSE B 87 -2.27 -17.91 3.55
CE MSE B 87 -0.79 -18.69 4.58
N ASP B 88 -2.06 -22.71 4.28
CA ASP B 88 -2.05 -23.89 5.16
C ASP B 88 -2.65 -23.49 6.53
N LEU B 89 -3.35 -24.46 7.12
CA LEU B 89 -4.16 -24.24 8.31
C LEU B 89 -3.31 -23.80 9.48
N GLY B 90 -2.07 -24.30 9.55
CA GLY B 90 -1.13 -23.91 10.59
C GLY B 90 -0.67 -22.44 10.61
N GLU B 91 -1.07 -21.60 9.64
CA GLU B 91 -0.68 -20.17 9.71
C GLU B 91 -1.50 -19.37 10.77
N TYR B 92 -2.73 -19.83 10.98
CA TYR B 92 -3.53 -19.31 12.05
C TYR B 92 -2.93 -19.70 13.37
N ASN B 93 -2.56 -18.74 14.18
CA ASN B 93 -2.12 -19.05 15.54
C ASN B 93 -3.01 -18.45 16.64
N ALA B 94 -3.90 -19.24 17.25
CA ALA B 94 -4.82 -18.75 18.34
C ALA B 94 -4.12 -17.99 19.48
N THR B 95 -2.92 -18.43 19.76
CA THR B 95 -2.10 -17.92 20.81
C THR B 95 -1.69 -16.43 20.66
N SER B 96 -1.62 -15.89 19.45
CA SER B 96 -1.07 -14.52 19.27
C SER B 96 -2.09 -13.40 19.54
N GLY B 97 -3.35 -13.79 19.65
CA GLY B 97 -4.46 -12.84 19.88
C GLY B 97 -5.09 -12.25 18.62
N PRO B 98 -6.23 -11.60 18.77
CA PRO B 98 -6.97 -11.23 17.55
C PRO B 98 -6.34 -10.16 16.68
N THR B 99 -5.71 -9.18 17.28
CA THR B 99 -5.09 -8.09 16.53
C THR B 99 -3.89 -8.61 15.74
N SER B 100 -3.12 -9.47 16.36
CA SER B 100 -2.05 -10.07 15.65
C SER B 100 -2.59 -10.87 14.47
N ASP B 101 -3.71 -11.51 14.65
CA ASP B 101 -4.38 -12.17 13.51
C ASP B 101 -4.82 -11.13 12.40
N VAL B 102 -5.47 -10.05 12.82
CA VAL B 102 -5.84 -9.00 11.87
C VAL B 102 -4.60 -8.58 11.07
N LEU B 103 -3.45 -8.41 11.76
CA LEU B 103 -2.26 -7.90 11.03
C LEU B 103 -1.67 -8.91 10.06
N ARG B 104 -1.78 -10.19 10.40
CA ARG B 104 -1.34 -11.24 9.56
C ARG B 104 -2.23 -11.28 8.31
N LEU B 105 -3.55 -11.28 8.49
CA LEU B 105 -4.46 -11.36 7.33
C LEU B 105 -4.33 -10.16 6.44
N SER B 106 -4.10 -9.04 7.05
CA SER B 106 -3.96 -7.78 6.28
C SER B 106 -2.67 -7.79 5.50
N SER B 107 -1.62 -8.42 6.05
CA SER B 107 -0.35 -8.53 5.34
C SER B 107 -0.55 -9.38 4.05
N TYR B 108 -1.45 -10.36 4.06
CA TYR B 108 -1.75 -11.09 2.84
C TYR B 108 -2.36 -10.22 1.81
N VAL B 109 -3.34 -9.40 2.22
CA VAL B 109 -4.01 -8.52 1.28
C VAL B 109 -3.03 -7.53 0.63
N GLU B 110 -2.04 -7.07 1.39
CA GLU B 110 -1.04 -6.15 0.88
C GLU B 110 -0.11 -6.84 -0.10
N ARG B 111 0.13 -8.13 0.07
CA ARG B 111 0.91 -8.85 -0.91
C ARG B 111 0.17 -8.91 -2.22
N TRP B 112 -1.15 -9.08 -2.17
CA TRP B 112 -1.91 -9.08 -3.37
C TRP B 112 -2.02 -7.68 -3.95
N LEU B 113 -2.06 -6.64 -3.12
CA LEU B 113 -2.17 -5.31 -3.64
C LEU B 113 -0.87 -4.92 -4.39
N ASP B 114 0.25 -5.56 -4.06
CA ASP B 114 1.50 -5.35 -4.81
C ASP B 114 1.31 -5.71 -6.28
N LEU B 115 0.48 -6.72 -6.58
CA LEU B 115 0.17 -7.06 -7.95
C LEU B 115 -0.56 -5.91 -8.63
N TRP B 116 -1.50 -5.32 -7.90
CA TRP B 116 -2.36 -4.28 -8.42
C TRP B 116 -1.59 -2.98 -8.63
N ARG B 117 -0.69 -2.67 -7.74
CA ARG B 117 0.21 -1.54 -7.85
C ARG B 117 1.37 -1.76 -8.86
N HIS B 118 1.53 -3.00 -9.33
CA HIS B 118 2.74 -3.34 -10.09
C HIS B 118 2.81 -2.59 -11.44
N PRO B 119 3.99 -2.15 -11.84
CA PRO B 119 4.12 -1.48 -13.14
C PRO B 119 3.87 -2.37 -14.37
N LYS B 120 3.87 -3.68 -14.23
CA LYS B 120 3.66 -4.59 -15.37
C LYS B 120 2.27 -5.19 -15.29
N PRO B 121 1.67 -5.51 -16.42
CA PRO B 121 0.46 -6.33 -16.43
C PRO B 121 0.73 -7.62 -15.71
N VAL B 122 -0.21 -8.03 -14.87
CA VAL B 122 -0.11 -9.26 -14.14
C VAL B 122 -1.20 -10.18 -14.63
N ILE B 123 -0.78 -11.33 -15.22
CA ILE B 123 -1.71 -12.30 -15.72
C ILE B 123 -1.69 -13.53 -14.84
N VAL B 124 -2.84 -13.94 -14.37
CA VAL B 124 -2.98 -15.15 -13.56
C VAL B 124 -3.62 -16.26 -14.36
N ALA B 125 -2.99 -17.45 -14.30
CA ALA B 125 -3.44 -18.65 -14.97
C ALA B 125 -3.80 -19.75 -13.99
N VAL B 126 -5.04 -20.13 -13.98
CA VAL B 126 -5.53 -21.03 -12.97
C VAL B 126 -5.97 -22.30 -13.65
N HIS B 127 -5.47 -23.41 -13.17
CA HIS B 127 -5.99 -24.70 -13.54
C HIS B 127 -6.22 -25.53 -12.28
N GLY B 128 -7.02 -26.58 -12.42
CA GLY B 128 -7.36 -27.49 -11.31
C GLY B 128 -8.04 -26.75 -10.20
N TYR B 129 -7.45 -26.78 -9.03
CA TYR B 129 -8.08 -26.18 -7.89
C TYR B 129 -7.53 -24.78 -7.61
N CYS B 130 -8.44 -23.92 -7.13
CA CYS B 130 -8.11 -22.58 -6.67
C CYS B 130 -9.03 -22.38 -5.50
N ILE B 131 -8.48 -22.52 -4.32
CA ILE B 131 -9.26 -22.57 -3.10
C ILE B 131 -8.90 -21.48 -2.14
N GLY B 132 -9.91 -20.95 -1.44
CA GLY B 132 -9.76 -20.03 -0.34
C GLY B 132 -9.00 -18.78 -0.72
N VAL B 133 -7.94 -18.52 0.01
CA VAL B 133 -7.16 -17.32 -0.13
C VAL B 133 -6.52 -17.26 -1.49
N ALA B 134 -6.34 -18.39 -2.18
CA ALA B 134 -5.75 -18.34 -3.54
C ALA B 134 -6.74 -17.73 -4.52
N ALA B 135 -8.04 -17.86 -4.22
CA ALA B 135 -9.07 -17.18 -4.97
C ALA B 135 -9.22 -15.69 -4.62
N GLN B 136 -8.61 -15.26 -3.52
CA GLN B 136 -8.49 -13.83 -3.13
C GLN B 136 -7.41 -13.21 -3.93
N LEU B 137 -6.22 -13.88 -3.94
CA LEU B 137 -5.06 -13.44 -4.73
C LEU B 137 -5.44 -13.11 -6.15
N ALA B 138 -6.14 -14.05 -6.77
CA ALA B 138 -6.47 -13.94 -8.19
C ALA B 138 -7.40 -12.80 -8.52
N SER B 139 -8.10 -12.25 -7.52
CA SER B 139 -8.95 -11.05 -7.71
C SER B 139 -8.20 -9.77 -7.95
N PHE B 140 -6.90 -9.77 -7.62
CA PHE B 140 -6.01 -8.62 -7.80
C PHE B 140 -5.05 -8.74 -8.99
N ALA B 141 -5.18 -9.79 -9.76
CA ALA B 141 -4.61 -9.82 -11.11
C ALA B 141 -5.26 -8.81 -12.05
N ASP B 142 -4.54 -8.45 -13.10
CA ASP B 142 -5.11 -7.65 -14.19
C ASP B 142 -6.01 -8.50 -15.09
N ILE B 143 -5.46 -9.60 -15.59
CA ILE B 143 -6.06 -10.53 -16.50
C ILE B 143 -6.04 -11.92 -15.86
N LEU B 144 -7.14 -12.65 -16.00
CA LEU B 144 -7.26 -13.93 -15.32
C LEU B 144 -7.74 -14.93 -16.34
N VAL B 145 -6.92 -15.94 -16.63
CA VAL B 145 -7.36 -16.97 -17.58
C VAL B 145 -7.49 -18.26 -16.78
N VAL B 146 -8.62 -18.92 -16.90
CA VAL B 146 -8.92 -20.08 -16.08
C VAL B 146 -9.16 -21.31 -16.98
N ALA B 147 -8.81 -22.49 -16.49
CA ALA B 147 -9.15 -23.74 -17.24
C ALA B 147 -10.63 -23.88 -17.11
N GLU B 148 -11.28 -24.26 -18.19
CA GLU B 148 -12.73 -24.58 -18.16
C GLU B 148 -13.11 -25.46 -16.99
N ASP B 149 -12.25 -26.45 -16.79
CA ASP B 149 -12.20 -27.51 -15.81
C ASP B 149 -11.93 -27.12 -14.34
N ALA B 150 -11.41 -25.94 -14.16
CA ALA B 150 -10.89 -25.65 -12.86
C ALA B 150 -12.05 -25.62 -11.83
N MSE B 151 -11.67 -25.82 -10.59
CA MSE B 151 -12.56 -25.71 -9.48
C MSE B 151 -12.13 -24.54 -8.69
O MSE B 151 -11.04 -24.54 -8.06
CB MSE B 151 -12.51 -27.03 -8.71
CG MSE B 151 -13.57 -27.01 -7.62
SE MSE B 151 -13.16 -28.17 -6.02
CE MSE B 151 -11.55 -27.24 -5.34
N ILE B 152 -12.96 -23.50 -8.68
CA ILE B 152 -12.78 -22.32 -7.81
C ILE B 152 -13.73 -22.42 -6.62
N SER B 153 -13.14 -22.45 -5.43
CA SER B 153 -13.82 -22.90 -4.27
C SER B 153 -13.56 -22.03 -3.07
N GLU B 154 -14.63 -21.82 -2.33
CA GLU B 154 -14.53 -21.41 -0.95
C GLU B 154 -13.84 -22.51 -0.16
N PRO B 155 -13.32 -22.18 1.03
CA PRO B 155 -12.80 -23.25 1.86
C PRO B 155 -13.88 -24.26 2.15
N THR B 156 -13.45 -25.50 2.19
CA THR B 156 -14.28 -26.67 2.26
C THR B 156 -15.05 -26.72 3.62
N ILE B 157 -14.41 -26.22 4.68
CA ILE B 157 -14.94 -26.16 6.02
C ILE B 157 -15.07 -24.71 6.44
N PRO B 158 -16.17 -24.35 7.10
CA PRO B 158 -16.44 -22.94 7.47
C PRO B 158 -15.73 -22.48 8.72
N ILE B 159 -14.46 -22.19 8.57
CA ILE B 159 -13.59 -21.90 9.67
C ILE B 159 -13.22 -20.40 9.71
N GLY B 160 -13.87 -19.63 8.84
CA GLY B 160 -13.56 -18.19 8.65
C GLY B 160 -14.64 -17.58 7.80
N GLY B 161 -14.39 -16.40 7.32
CA GLY B 161 -15.29 -15.77 6.38
C GLY B 161 -15.14 -14.29 6.30
N GLY B 162 -15.80 -13.73 5.30
CA GLY B 162 -15.72 -12.29 5.02
C GLY B 162 -14.40 -11.79 4.48
N PHE B 163 -13.61 -12.67 3.96
CA PHE B 163 -12.24 -12.37 3.52
C PHE B 163 -12.06 -12.48 2.02
N ILE B 164 -12.60 -13.55 1.44
CA ILE B 164 -12.38 -13.81 0.00
C ILE B 164 -13.47 -13.18 -0.84
N ALA B 165 -14.70 -13.56 -0.62
CA ALA B 165 -15.80 -13.03 -1.48
C ALA B 165 -15.91 -11.49 -1.60
N PRO B 166 -15.74 -10.72 -0.48
CA PRO B 166 -15.78 -9.27 -0.66
C PRO B 166 -14.84 -8.75 -1.78
N THR B 167 -13.74 -9.47 -2.07
CA THR B 167 -12.83 -9.02 -3.12
C THR B 167 -13.33 -9.36 -4.49
N TRP B 168 -14.44 -10.12 -4.56
CA TRP B 168 -15.03 -10.54 -5.80
C TRP B 168 -16.11 -9.59 -6.27
N VAL B 169 -16.64 -8.77 -5.37
CA VAL B 169 -17.87 -8.02 -5.64
C VAL B 169 -17.72 -7.14 -6.86
N SER B 170 -16.60 -6.54 -6.94
CA SER B 170 -16.21 -5.69 -7.99
C SER B 170 -16.23 -6.36 -9.37
N HIS B 171 -15.94 -7.65 -9.36
CA HIS B 171 -15.87 -8.43 -10.59
C HIS B 171 -17.18 -9.13 -10.93
N VAL B 172 -17.90 -9.64 -9.92
CA VAL B 172 -19.03 -10.49 -10.21
C VAL B 172 -20.37 -9.91 -9.76
N GLY B 173 -20.37 -8.81 -8.99
CA GLY B 173 -21.55 -8.29 -8.32
C GLY B 173 -21.86 -8.92 -6.95
N SER B 174 -22.80 -8.32 -6.22
CA SER B 174 -23.07 -8.71 -4.89
C SER B 174 -23.90 -9.98 -4.85
N ARG B 175 -24.72 -10.18 -5.84
CA ARG B 175 -25.54 -11.39 -5.84
C ARG B 175 -24.72 -12.65 -5.92
N HIS B 176 -23.76 -12.71 -6.84
CA HIS B 176 -22.96 -13.91 -6.96
C HIS B 176 -21.96 -14.01 -5.86
N ALA B 177 -21.48 -12.89 -5.37
CA ALA B 177 -20.51 -12.93 -4.26
C ALA B 177 -21.17 -13.50 -2.98
N LYS B 178 -22.42 -13.10 -2.72
CA LYS B 178 -23.14 -13.59 -1.57
C LYS B 178 -23.49 -15.04 -1.77
N GLU B 179 -23.96 -15.42 -2.96
CA GLU B 179 -24.23 -16.83 -3.29
C GLU B 179 -22.98 -17.69 -3.06
N PHE B 180 -21.82 -17.20 -3.52
CA PHE B 180 -20.56 -17.91 -3.31
C PHE B 180 -20.25 -18.08 -1.83
N ALA B 181 -20.33 -16.99 -1.09
CA ALA B 181 -19.94 -16.97 0.33
C ALA B 181 -20.86 -17.72 1.30
N PHE B 182 -22.17 -17.80 1.02
CA PHE B 182 -23.08 -18.30 2.02
C PHE B 182 -23.27 -19.80 2.07
N LEU B 183 -22.65 -20.55 1.16
CA LEU B 183 -22.78 -22.04 1.20
C LEU B 183 -21.44 -22.66 1.42
N PRO B 184 -21.32 -23.62 2.34
CA PRO B 184 -19.99 -24.16 2.76
C PRO B 184 -19.36 -24.97 1.66
N GLY B 185 -18.08 -24.70 1.36
CA GLY B 185 -17.44 -25.37 0.27
C GLY B 185 -18.05 -25.04 -1.07
N ASN B 186 -18.80 -23.93 -1.19
CA ASN B 186 -19.32 -23.57 -2.49
C ASN B 186 -18.18 -23.46 -3.48
N ARG B 187 -18.50 -23.75 -4.72
CA ARG B 187 -17.50 -23.88 -5.73
C ARG B 187 -18.12 -23.67 -7.08
N ILE B 188 -17.36 -23.09 -7.98
CA ILE B 188 -17.75 -22.98 -9.39
C ILE B 188 -16.61 -23.50 -10.29
N ASP B 189 -16.95 -23.84 -11.55
CA ASP B 189 -15.93 -24.19 -12.49
C ASP B 189 -15.50 -22.96 -13.30
N GLY B 190 -14.40 -23.12 -14.04
CA GLY B 190 -13.81 -22.04 -14.80
C GLY B 190 -14.80 -21.33 -15.72
N ARG B 191 -15.65 -22.11 -16.38
CA ARG B 191 -16.66 -21.58 -17.26
C ARG B 191 -17.55 -20.60 -16.55
N MSE B 192 -18.01 -21.04 -15.38
CA MSE B 192 -18.87 -20.23 -14.52
C MSE B 192 -18.14 -18.99 -14.09
O MSE B 192 -18.73 -17.91 -14.08
CB MSE B 192 -19.39 -21.11 -13.39
CG MSE B 192 -20.56 -20.48 -12.60
SE MSE B 192 -22.18 -19.97 -13.68
CE MSE B 192 -22.34 -21.48 -14.98
N ALA B 193 -16.86 -19.12 -13.75
CA ALA B 193 -16.08 -17.99 -13.33
C ALA B 193 -15.95 -16.94 -14.42
N ALA B 194 -15.80 -17.41 -15.65
CA ALA B 194 -15.79 -16.52 -16.78
C ALA B 194 -17.19 -15.91 -16.96
N ALA B 195 -18.24 -16.71 -16.88
CA ALA B 195 -19.53 -16.13 -17.10
C ALA B 195 -19.91 -15.12 -15.99
N TRP B 196 -19.47 -15.37 -14.74
CA TRP B 196 -19.70 -14.42 -13.65
C TRP B 196 -18.87 -13.17 -13.83
N GLY B 197 -17.78 -13.21 -14.58
CA GLY B 197 -16.93 -12.01 -14.70
C GLY B 197 -15.68 -12.09 -13.87
N TRP B 198 -15.49 -13.17 -13.11
CA TRP B 198 -14.26 -13.23 -12.31
C TRP B 198 -13.06 -13.52 -13.25
N ALA B 199 -13.19 -14.45 -14.19
CA ALA B 199 -12.11 -14.66 -15.21
C ALA B 199 -12.39 -13.89 -16.50
N ASN B 200 -11.33 -13.52 -17.24
CA ASN B 200 -11.55 -12.97 -18.60
C ASN B 200 -12.13 -13.97 -19.53
N CYS B 201 -11.61 -15.19 -19.46
CA CYS B 201 -12.04 -16.28 -20.36
C CYS B 201 -11.63 -17.65 -19.75
N ALA B 202 -12.44 -18.67 -20.06
CA ALA B 202 -12.17 -20.05 -19.72
C ALA B 202 -11.75 -20.78 -21.00
N VAL B 203 -10.60 -21.43 -20.97
CA VAL B 203 -10.10 -22.27 -22.06
C VAL B 203 -9.75 -23.68 -21.57
N PRO B 204 -9.56 -24.66 -22.48
CA PRO B 204 -9.13 -26.01 -22.03
C PRO B 204 -7.83 -25.93 -21.22
N ALA B 205 -7.71 -26.81 -20.25
CA ALA B 205 -6.54 -26.85 -19.37
C ALA B 205 -5.21 -26.81 -20.15
N SER B 206 -5.15 -27.56 -21.25
CA SER B 206 -3.91 -27.70 -22.00
C SER B 206 -3.50 -26.44 -22.71
N GLU B 207 -4.41 -25.48 -22.80
CA GLU B 207 -4.15 -24.21 -23.47
C GLU B 207 -3.99 -23.04 -22.56
N VAL B 208 -4.13 -23.21 -21.26
CA VAL B 208 -4.13 -22.07 -20.38
C VAL B 208 -2.83 -21.27 -20.45
N ILE B 209 -1.68 -21.95 -20.46
CA ILE B 209 -0.40 -21.31 -20.49
C ILE B 209 -0.16 -20.63 -21.84
N ALA B 210 -0.38 -21.40 -22.91
CA ALA B 210 -0.09 -20.94 -24.23
C ALA B 210 -0.98 -19.78 -24.57
N CYS B 211 -2.22 -19.82 -24.09
CA CYS B 211 -3.07 -18.65 -24.20
C CYS B 211 -2.51 -17.36 -23.57
N CYS B 212 -2.04 -17.43 -22.33
CA CYS B 212 -1.38 -16.33 -21.69
C CYS B 212 -0.11 -15.85 -22.36
N GLU B 213 0.69 -16.79 -22.87
CA GLU B 213 1.91 -16.44 -23.67
C GLU B 213 1.54 -15.68 -24.95
N SER B 214 0.54 -16.17 -25.66
CA SER B 214 -0.01 -15.47 -26.83
C SER B 214 -0.47 -14.05 -26.53
N LEU B 215 -1.22 -13.86 -25.45
CA LEU B 215 -1.58 -12.53 -25.09
C LEU B 215 -0.34 -11.70 -24.79
N ALA B 216 0.61 -12.29 -24.09
CA ALA B 216 1.78 -11.54 -23.71
C ALA B 216 2.65 -11.12 -24.88
N GLN B 217 2.72 -11.96 -25.91
CA GLN B 217 3.45 -11.66 -27.12
C GLN B 217 2.85 -10.44 -27.80
N ARG B 218 1.54 -10.26 -27.75
CA ARG B 218 0.99 -9.02 -28.27
C ARG B 218 1.29 -7.84 -27.37
N MSE B 219 1.21 -8.04 -26.05
CA MSE B 219 1.48 -6.96 -25.09
C MSE B 219 2.91 -6.47 -25.14
O MSE B 219 3.18 -5.30 -24.94
CB MSE B 219 1.29 -7.39 -23.64
CG MSE B 219 -0.18 -7.74 -23.45
SE MSE B 219 -0.50 -8.22 -21.54
CE MSE B 219 -2.31 -9.00 -21.62
N LYS B 220 3.81 -7.39 -25.42
CA LYS B 220 5.25 -7.11 -25.66
C LYS B 220 5.51 -6.02 -26.70
N LEU B 221 4.62 -5.85 -27.67
CA LEU B 221 4.85 -4.79 -28.72
C LEU B 221 4.63 -3.36 -28.16
N MSE B 222 4.01 -3.25 -27.00
CA MSE B 222 3.76 -1.95 -26.41
C MSE B 222 4.93 -1.52 -25.60
O MSE B 222 5.50 -2.30 -24.89
CB MSE B 222 2.63 -2.07 -25.42
CG MSE B 222 1.45 -2.59 -26.18
SE MSE B 222 0.29 -0.99 -26.44
CE MSE B 222 -1.30 -1.69 -25.54
N PRO B 223 5.30 -0.25 -25.67
CA PRO B 223 6.35 0.24 -24.75
C PRO B 223 5.98 -0.03 -23.27
N PRO B 224 6.95 -0.45 -22.46
CA PRO B 224 6.55 -0.74 -21.07
C PRO B 224 5.90 0.43 -20.31
N ALA B 225 6.34 1.66 -20.63
CA ALA B 225 5.85 2.82 -19.99
C ALA B 225 4.35 2.98 -20.32
N VAL B 226 3.97 2.59 -21.53
CA VAL B 226 2.59 2.68 -21.94
C VAL B 226 1.74 1.72 -21.12
N LEU B 227 2.19 0.47 -21.02
CA LEU B 227 1.52 -0.52 -20.22
C LEU B 227 1.34 -0.04 -18.79
N ALA B 228 2.43 0.52 -18.21
CA ALA B 228 2.39 0.90 -16.82
C ALA B 228 1.31 1.99 -16.58
N MSE B 229 1.24 2.93 -17.49
CA MSE B 229 0.33 4.03 -17.30
C MSE B 229 -1.11 3.70 -17.60
O MSE B 229 -2.02 4.24 -16.99
CB MSE B 229 0.76 5.19 -18.16
CG MSE B 229 0.11 6.53 -17.73
SE MSE B 229 0.59 7.15 -15.86
CE MSE B 229 2.40 6.58 -15.90
N LYS B 230 -1.32 2.85 -18.60
CA LYS B 230 -2.64 2.37 -18.88
C LYS B 230 -3.14 1.70 -17.62
N LYS B 231 -2.28 0.92 -16.98
CA LYS B 231 -2.71 0.22 -15.83
C LYS B 231 -3.01 1.16 -14.62
N ARG B 232 -2.12 2.11 -14.32
CA ARG B 232 -2.39 3.09 -13.29
C ARG B 232 -3.70 3.83 -13.52
N SER B 233 -4.02 4.17 -14.77
CA SER B 233 -5.19 4.99 -15.05
C SER B 233 -6.43 4.16 -14.84
N ILE B 234 -6.43 2.90 -15.30
CA ILE B 234 -7.55 2.00 -15.01
C ILE B 234 -7.71 1.74 -13.54
N ASN B 235 -6.60 1.60 -12.85
CA ASN B 235 -6.65 1.41 -11.40
C ASN B 235 -7.27 2.59 -10.63
N ARG B 236 -7.07 3.81 -11.13
CA ARG B 236 -7.68 5.00 -10.51
C ARG B 236 -9.22 4.91 -10.70
N ALA B 237 -9.67 4.46 -11.84
CA ALA B 237 -11.16 4.29 -12.04
C ALA B 237 -11.73 3.20 -11.13
N MSE B 238 -10.95 2.17 -10.87
CA MSE B 238 -11.36 1.13 -9.88
C MSE B 238 -11.38 1.71 -8.52
O MSE B 238 -12.28 1.45 -7.73
CB MSE B 238 -10.41 -0.03 -9.89
CG MSE B 238 -10.39 -0.80 -11.22
SE MSE B 238 -8.90 -2.17 -11.25
CE MSE B 238 -9.69 -3.47 -9.97
N GLU B 239 -10.34 2.45 -8.18
CA GLU B 239 -10.25 3.01 -6.87
C GLU B 239 -11.41 3.99 -6.66
N ALA B 240 -11.74 4.79 -7.68
CA ALA B 240 -12.85 5.72 -7.56
C ALA B 240 -14.17 4.95 -7.33
N ALA B 241 -14.22 3.70 -7.84
CA ALA B 241 -15.39 2.84 -7.69
C ALA B 241 -15.31 2.06 -6.39
N GLY B 242 -14.40 2.43 -5.51
CA GLY B 242 -14.34 1.75 -4.21
C GLY B 242 -13.38 0.57 -4.03
N PHE B 243 -12.58 0.26 -5.00
CA PHE B 243 -11.83 -1.01 -4.99
C PHE B 243 -10.90 -1.18 -3.75
N HIS B 244 -10.16 -0.14 -3.44
CA HIS B 244 -9.23 -0.21 -2.37
C HIS B 244 -9.98 -0.18 -1.05
N ALA B 245 -10.96 0.72 -0.90
CA ALA B 245 -11.68 0.82 0.37
C ALA B 245 -12.48 -0.43 0.68
N ALA B 246 -12.92 -1.11 -0.36
CA ALA B 246 -13.68 -2.39 -0.17
C ALA B 246 -12.89 -3.44 0.59
N ALA B 247 -11.56 -3.33 0.62
CA ALA B 247 -10.72 -4.29 1.33
C ALA B 247 -10.37 -3.83 2.75
N SER B 248 -10.93 -2.74 3.27
CA SER B 248 -10.29 -2.11 4.41
C SER B 248 -10.60 -2.74 5.76
N ALA B 249 -11.60 -3.61 5.81
CA ALA B 249 -11.96 -4.32 7.07
C ALA B 249 -12.14 -5.82 6.90
N ILE B 250 -11.70 -6.37 5.77
CA ILE B 250 -11.91 -7.80 5.58
C ILE B 250 -11.05 -8.63 6.52
N ALA B 251 -9.89 -8.08 6.87
CA ALA B 251 -9.04 -8.75 7.83
C ALA B 251 -9.72 -8.90 9.20
N GLU B 252 -10.30 -7.80 9.67
CA GLU B 252 -11.05 -7.73 10.94
C GLU B 252 -12.17 -8.72 10.91
N SER B 253 -12.87 -8.82 9.78
CA SER B 253 -14.08 -9.69 9.70
C SER B 253 -13.69 -11.13 9.88
N ASP B 254 -12.61 -11.52 9.24
CA ASP B 254 -12.19 -12.90 9.24
C ASP B 254 -11.61 -13.22 10.62
N ALA B 255 -10.88 -12.30 11.19
CA ALA B 255 -10.24 -12.57 12.51
C ALA B 255 -11.25 -12.71 13.59
N LEU B 256 -12.36 -11.99 13.48
CA LEU B 256 -13.47 -12.16 14.44
C LEU B 256 -14.09 -13.55 14.39
N LEU B 257 -14.23 -14.05 13.20
CA LEU B 257 -14.84 -15.36 13.00
C LEU B 257 -13.93 -16.49 13.47
N HIS B 258 -12.61 -16.31 13.40
CA HIS B 258 -11.68 -17.28 14.01
C HIS B 258 -11.88 -17.43 15.51
N LEU B 259 -12.55 -16.47 16.17
CA LEU B 259 -12.87 -16.55 17.59
C LEU B 259 -14.32 -16.90 17.98
N GLU B 260 -15.17 -17.16 17.03
CA GLU B 260 -16.51 -17.62 17.37
C GLU B 260 -16.43 -19.01 17.97
N PRO B 261 -17.11 -19.24 19.08
CA PRO B 261 -17.21 -20.61 19.69
C PRO B 261 -17.63 -21.72 18.76
N GLU B 262 -18.61 -21.48 17.90
CA GLU B 262 -19.00 -22.50 16.93
C GLU B 262 -17.84 -22.79 15.94
N VAL B 263 -17.00 -21.80 15.63
CA VAL B 263 -15.86 -22.03 14.74
C VAL B 263 -14.72 -22.70 15.49
N THR B 264 -14.49 -22.37 16.72
CA THR B 264 -13.43 -23.00 17.39
C THR B 264 -13.82 -24.50 17.63
N ALA B 265 -15.08 -24.81 17.86
CA ALA B 265 -15.50 -26.22 17.98
C ALA B 265 -15.27 -27.00 16.67
N ILE B 266 -15.55 -26.41 15.52
CA ILE B 266 -15.26 -27.06 14.25
C ILE B 266 -13.74 -27.27 14.12
N ARG B 267 -12.98 -26.24 14.43
CA ARG B 267 -11.51 -26.34 14.41
C ARG B 267 -11.02 -27.48 15.30
N ASN B 268 -11.59 -27.61 16.50
CA ASN B 268 -11.24 -28.74 17.39
C ASN B 268 -11.56 -30.11 16.80
N ARG B 269 -12.65 -30.23 16.04
CA ARG B 269 -12.91 -31.46 15.30
C ARG B 269 -11.72 -31.80 14.39
N LEU B 270 -11.14 -30.78 13.76
CA LEU B 270 -10.03 -30.98 12.84
C LEU B 270 -8.79 -31.51 13.54
N ARG B 271 -8.54 -31.00 14.76
CA ARG B 271 -7.38 -31.38 15.60
C ARG B 271 -7.53 -32.81 16.15
N THR B 272 -8.74 -33.39 16.09
CA THR B 272 -9.10 -34.61 16.80
C THR B 272 -9.87 -35.74 16.03
N GLU B 273 -10.33 -35.51 14.79
CA GLU B 273 -10.93 -36.52 13.90
C GLU B 273 -10.23 -36.50 12.57
N ASP B 274 -10.54 -37.45 11.68
CA ASP B 274 -9.98 -37.46 10.30
C ASP B 274 -10.54 -36.28 9.48
N LEU B 275 -9.66 -35.59 8.74
CA LEU B 275 -10.08 -34.47 7.91
C LEU B 275 -11.31 -34.84 7.06
N LYS B 276 -11.31 -36.04 6.49
CA LYS B 276 -12.37 -36.46 5.56
C LYS B 276 -13.76 -36.53 6.23
N ALA B 277 -13.77 -36.91 7.51
CA ALA B 277 -15.00 -36.97 8.29
C ALA B 277 -15.57 -35.58 8.53
N VAL B 278 -14.70 -34.62 8.85
CA VAL B 278 -15.13 -33.25 9.07
C VAL B 278 -15.60 -32.59 7.77
N VAL B 279 -14.79 -32.73 6.72
CA VAL B 279 -15.17 -32.25 5.42
C VAL B 279 -16.49 -32.89 5.00
N GLY B 280 -16.58 -34.19 5.19
CA GLY B 280 -17.72 -34.96 4.80
C GLY B 280 -19.01 -34.49 5.43
N SER B 281 -18.92 -33.91 6.62
CA SER B 281 -20.06 -33.31 7.25
C SER B 281 -20.60 -32.01 6.54
N TYR B 282 -19.81 -31.38 5.68
CA TYR B 282 -20.16 -30.06 5.07
C TYR B 282 -20.30 -30.13 3.56
N ALA B 283 -19.71 -31.16 2.97
CA ALA B 283 -19.64 -31.27 1.54
C ALA B 283 -20.99 -31.63 0.97
N GLY B 284 -21.25 -31.14 -0.22
CA GLY B 284 -22.52 -31.37 -0.88
C GLY B 284 -22.65 -30.45 -2.08
N GLU B 285 -23.88 -30.27 -2.53
CA GLU B 285 -24.13 -29.54 -3.76
C GLU B 285 -23.70 -28.08 -3.63
N SER B 286 -23.12 -27.58 -4.71
CA SER B 286 -22.80 -26.20 -4.85
C SER B 286 -24.05 -25.48 -5.26
N SER B 287 -24.04 -24.15 -5.17
CA SER B 287 -25.21 -23.39 -5.52
C SER B 287 -25.53 -23.58 -6.98
N GLN B 288 -24.53 -23.53 -7.83
CA GLN B 288 -24.82 -23.67 -9.27
C GLN B 288 -25.37 -25.08 -9.58
N GLU B 289 -24.94 -26.13 -8.86
CA GLU B 289 -25.52 -27.49 -9.04
C GLU B 289 -26.98 -27.46 -8.61
N ILE B 290 -27.28 -26.73 -7.57
CA ILE B 290 -28.67 -26.58 -7.15
C ILE B 290 -29.51 -25.89 -8.19
N PHE B 291 -29.00 -24.82 -8.77
CA PHE B 291 -29.78 -24.14 -9.77
C PHE B 291 -30.03 -25.03 -10.98
N GLN B 292 -28.99 -25.70 -11.44
CA GLN B 292 -29.11 -26.65 -12.57
C GLN B 292 -30.19 -27.72 -12.31
N ARG B 293 -30.11 -28.35 -11.15
CA ARG B 293 -31.05 -29.41 -10.73
C ARG B 293 -32.50 -28.91 -10.74
N HIS B 294 -32.71 -27.63 -10.39
CA HIS B 294 -34.01 -27.03 -10.40
C HIS B 294 -34.34 -26.38 -11.73
N GLY B 295 -33.55 -26.67 -12.75
CA GLY B 295 -33.84 -26.28 -14.14
C GLY B 295 -33.32 -24.87 -14.43
O3 UNL C . 1.95 22.05 -5.24
P UNL C . 2.95 21.39 -4.32
O4 UNL C . 2.30 21.46 -2.96
O1 UNL C . 3.39 19.97 -4.80
O2 UNL C . 4.26 22.23 -4.38
O3 UNL D . -15.42 -15.72 1.07
P UNL D . -15.31 -15.91 2.53
O4 UNL D . -16.59 -15.34 3.11
O1 UNL D . -15.26 -17.37 2.88
O2 UNL D . -14.05 -15.29 3.14
#